data_9LNY
#
_entry.id   9LNY
#
_cell.length_a   187.262
_cell.length_b   187.262
_cell.length_c   187.262
_cell.angle_alpha   90.00
_cell.angle_beta   90.00
_cell.angle_gamma   90.00
#
_symmetry.space_group_name_H-M   'F 4 3 2'
#
loop_
_entity.id
_entity.type
_entity.pdbx_description
1 polymer 'Ferritin heavy chain, N-terminally processed'
2 non-polymer 'FE (III) ION'
3 non-polymer 'MAGNESIUM ION'
4 non-polymer 'CHLORIDE ION'
5 non-polymer 'NITRIC OXIDE'
6 non-polymer '[3-(bromomethyl)phenyl]boronic acid'
7 non-polymer 'HYDROSULFURIC ACID'
8 water water
#
_entity_poly.entity_id   1
_entity_poly.type   'polypeptide(L)'
_entity_poly.pdbx_seq_one_letter_code
;TSQVRQNYHQDSEAAINRQINLELYASYVYLSMSYYFDRDDVALKNFAKYFLHQSHEEREHAEKLMKLQNQRGGRIFLQD
IKKPDCDDWESGLNAMECALHLEKNVNQSLLELHKLATDKNDPHLCDFIETHYLNEQVKAIKELGDHVTNLRKMGAPESG
LAEYLFDKHTLG
;
_entity_poly.pdbx_strand_id   A
#
# COMPACT_ATOMS: atom_id res chain seq x y z
N THR A 1 27.51 17.79 -1.83
CA THR A 1 26.53 18.69 -2.43
C THR A 1 26.26 18.50 -3.98
N SER A 2 25.00 18.37 -4.34
CA SER A 2 24.63 17.85 -5.65
C SER A 2 24.55 18.96 -6.69
N GLN A 3 25.25 18.78 -7.81
CA GLN A 3 25.16 19.71 -8.93
C GLN A 3 23.75 19.88 -9.50
N VAL A 4 22.79 18.98 -9.20
CA VAL A 4 21.45 19.10 -9.75
C VAL A 4 20.43 19.64 -8.74
N ARG A 5 20.75 19.69 -7.46
CA ARG A 5 19.75 19.99 -6.44
C ARG A 5 19.26 21.43 -6.59
N GLN A 6 17.94 21.63 -6.51
CA GLN A 6 17.40 22.99 -6.55
C GLN A 6 16.02 23.02 -5.90
N ASN A 7 15.84 23.97 -4.97
CA ASN A 7 14.57 24.19 -4.26
C ASN A 7 14.09 22.91 -3.52
N TYR A 8 15.02 22.11 -3.00
CA TYR A 8 14.73 20.81 -2.38
C TYR A 8 15.21 20.77 -0.93
N HIS A 9 14.28 20.90 0.00
CA HIS A 9 14.60 21.04 1.40
C HIS A 9 15.04 19.73 2.07
N GLN A 10 16.01 19.83 2.99
CA GLN A 10 16.46 18.67 3.77
C GLN A 10 15.32 17.93 4.46
N ASP A 11 14.29 18.65 4.94
CA ASP A 11 13.17 17.98 5.60
C ASP A 11 12.32 17.18 4.60
N SER A 12 12.25 17.64 3.34
CA SER A 12 11.52 16.89 2.31
C SER A 12 12.31 15.62 1.95
N GLU A 13 13.64 15.75 1.83
CA GLU A 13 14.52 14.61 1.52
C GLU A 13 14.41 13.48 2.57
N ALA A 14 14.27 13.84 3.87
CA ALA A 14 14.13 12.83 4.93
C ALA A 14 12.74 12.22 4.93
N ALA A 15 11.71 13.05 4.70
CA ALA A 15 10.34 12.53 4.63
C ALA A 15 10.14 11.55 3.47
N ILE A 16 10.81 11.81 2.33
CA ILE A 16 10.79 10.83 1.23
C ILE A 16 11.49 9.54 1.62
N ASN A 17 12.58 9.61 2.40
CA ASN A 17 13.20 8.35 2.81
C ASN A 17 12.28 7.54 3.72
N ARG A 18 11.53 8.21 4.59
CA ARG A 18 10.61 7.50 5.47
C ARG A 18 9.45 6.91 4.68
N GLN A 19 9.03 7.60 3.63
CA GLN A 19 7.93 7.11 2.80
C GLN A 19 8.32 5.81 2.10
N ILE A 20 9.54 5.73 1.58
CA ILE A 20 10.01 4.51 0.93
C ILE A 20 9.87 3.30 1.85
N ASN A 21 10.36 3.42 3.08
CA ASN A 21 10.29 2.30 4.03
C ASN A 21 8.86 1.81 4.20
N LEU A 22 7.90 2.72 4.37
CA LEU A 22 6.48 2.32 4.44
C LEU A 22 5.92 1.51 3.26
N GLU A 23 6.29 1.90 2.04
CA GLU A 23 5.87 1.19 0.85
C GLU A 23 6.40 -0.22 0.79
N LEU A 24 7.61 -0.42 1.28
CA LEU A 24 8.21 -1.73 1.33
C LEU A 24 7.55 -2.56 2.43
N TYR A 25 7.15 -1.94 3.53
CA TYR A 25 6.40 -2.65 4.60
C TYR A 25 5.05 -3.15 4.07
N ALA A 26 4.34 -2.34 3.28
CA ALA A 26 3.03 -2.74 2.73
C ALA A 26 3.19 -3.91 1.77
N SER A 27 4.25 -3.92 0.98
CA SER A 27 4.55 -5.07 0.09
C SER A 27 4.70 -6.35 0.92
N TYR A 28 5.39 -6.26 2.07
CA TYR A 28 5.64 -7.44 2.94
C TYR A 28 4.32 -7.97 3.52
N VAL A 29 3.45 -7.08 3.98
CA VAL A 29 2.13 -7.48 4.56
C VAL A 29 1.31 -8.21 3.50
N TYR A 30 1.28 -7.70 2.27
CA TYR A 30 0.47 -8.29 1.18
C TYR A 30 1.04 -9.65 0.77
N LEU A 31 2.35 -9.83 0.90
CA LEU A 31 3.02 -11.12 0.59
C LEU A 31 2.62 -12.17 1.65
N SER A 32 2.60 -11.77 2.92
CA SER A 32 2.13 -12.69 3.99
C SER A 32 0.66 -13.06 3.78
N MET A 33 -0.20 -12.09 3.49
CA MET A 33 -1.64 -12.36 3.24
C MET A 33 -1.81 -13.35 2.07
N SER A 34 -1.02 -13.20 1.00
CA SER A 34 -1.15 -14.07 -0.20
C SER A 34 -0.88 -15.54 0.12
N TYR A 35 0.21 -15.83 0.82
CA TYR A 35 0.59 -17.24 1.09
C TYR A 35 -0.27 -17.89 2.17
N TYR A 36 -1.02 -17.10 2.94
CA TYR A 36 -1.99 -17.67 3.90
C TYR A 36 -3.14 -18.34 3.13
N PHE A 37 -3.53 -17.76 2.00
CA PHE A 37 -4.65 -18.30 1.19
C PHE A 37 -4.17 -19.45 0.30
N ASP A 38 -2.86 -19.70 0.24
CA ASP A 38 -2.25 -20.81 -0.55
C ASP A 38 -2.08 -22.05 0.34
N ARG A 39 -2.39 -21.90 1.63
CA ARG A 39 -2.30 -23.04 2.57
C ARG A 39 -3.39 -24.08 2.28
N ASP A 40 -3.09 -25.35 2.54
CA ASP A 40 -4.03 -26.47 2.29
C ASP A 40 -5.26 -26.39 3.20
N ASP A 41 -5.19 -25.66 4.31
CA ASP A 41 -6.30 -25.55 5.29
C ASP A 41 -7.13 -24.27 5.04
N VAL A 42 -6.80 -23.48 4.01
CA VAL A 42 -7.59 -22.26 3.63
C VAL A 42 -8.01 -22.43 2.16
N ALA A 43 -7.05 -22.52 1.23
CA ALA A 43 -7.27 -22.84 -0.20
C ALA A 43 -8.21 -21.91 -0.98
N LEU A 44 -7.91 -20.62 -0.99
CA LEU A 44 -8.67 -19.67 -1.84
C LEU A 44 -7.69 -19.09 -2.86
N LYS A 45 -7.61 -19.70 -4.05
CA LYS A 45 -6.62 -19.32 -5.08
C LYS A 45 -6.72 -17.87 -5.56
N ASN A 46 -7.92 -17.34 -5.70
CA ASN A 46 -8.07 -15.98 -6.27
C ASN A 46 -7.72 -14.94 -5.20
N PHE A 47 -7.97 -15.23 -3.93
CA PHE A 47 -7.54 -14.34 -2.84
C PHE A 47 -6.01 -14.25 -2.84
N ALA A 48 -5.33 -15.37 -3.08
CA ALA A 48 -3.85 -15.40 -3.10
C ALA A 48 -3.29 -14.56 -4.25
N LYS A 49 -3.84 -14.70 -5.45
CA LYS A 49 -3.41 -13.91 -6.61
C LYS A 49 -3.68 -12.41 -6.40
N TYR A 50 -4.83 -12.06 -5.84
CA TYR A 50 -5.17 -10.64 -5.58
C TYR A 50 -4.12 -9.99 -4.67
N PHE A 51 -3.78 -10.64 -3.56
CA PHE A 51 -2.83 -10.07 -2.58
C PHE A 51 -1.39 -10.06 -3.12
N LEU A 52 -1.02 -11.03 -3.96
CA LEU A 52 0.32 -11.03 -4.59
C LEU A 52 0.47 -9.86 -5.57
N HIS A 53 -0.57 -9.55 -6.32
CA HIS A 53 -0.53 -8.39 -7.26
C HIS A 53 -0.41 -7.09 -6.47
N GLN A 54 -1.12 -6.96 -5.36
CA GLN A 54 -1.02 -5.78 -4.49
C GLN A 54 0.41 -5.62 -3.94
N SER A 55 1.08 -6.72 -3.60
CA SER A 55 2.48 -6.71 -3.10
C SER A 55 3.43 -6.15 -4.17
N HIS A 56 3.27 -6.58 -5.42
CA HIS A 56 4.12 -6.11 -6.54
C HIS A 56 3.88 -4.61 -6.80
N GLU A 57 2.65 -4.14 -6.68
CA GLU A 57 2.33 -2.70 -6.89
C GLU A 57 3.05 -1.83 -5.85
N GLU A 58 3.06 -2.23 -4.58
CA GLU A 58 3.72 -1.47 -3.49
C GLU A 58 5.23 -1.41 -3.72
N ARG A 59 5.81 -2.46 -4.29
CA ARG A 59 7.26 -2.45 -4.62
C ARG A 59 7.53 -1.47 -5.77
N GLU A 60 6.58 -1.32 -6.70
CA GLU A 60 6.73 -0.33 -7.80
C GLU A 60 6.58 1.09 -7.23
N HIS A 61 5.66 1.29 -6.28
CA HIS A 61 5.51 2.61 -5.60
C HIS A 61 6.82 2.99 -4.91
N ALA A 62 7.54 2.02 -4.33
CA ALA A 62 8.82 2.30 -3.64
C ALA A 62 9.94 2.63 -4.62
N GLU A 63 10.03 1.92 -5.73
CA GLU A 63 11.11 2.13 -6.72
C GLU A 63 10.98 3.50 -7.36
N LYS A 64 9.75 3.97 -7.57
CA LYS A 64 9.53 5.30 -8.17
C LYS A 64 9.85 6.44 -7.17
N LEU A 65 9.68 6.22 -5.86
CA LEU A 65 10.17 7.23 -4.91
C LEU A 65 11.69 7.21 -4.82
N MET A 66 12.32 6.05 -5.01
CA MET A 66 13.77 6.03 -5.07
C MET A 66 14.28 6.74 -6.34
N LYS A 67 13.55 6.61 -7.46
CA LYS A 67 13.91 7.34 -8.68
C LYS A 67 13.83 8.83 -8.44
N LEU A 68 12.78 9.26 -7.71
CA LEU A 68 12.54 10.69 -7.44
C LEU A 68 13.63 11.31 -6.56
N GLN A 69 14.04 10.61 -5.48
CA GLN A 69 15.13 11.09 -4.62
C GLN A 69 16.37 11.48 -5.43
N ASN A 70 16.84 10.55 -6.26
CA ASN A 70 17.97 10.82 -7.15
C ASN A 70 17.68 11.93 -8.18
N GLN A 71 16.46 11.97 -8.77
CA GLN A 71 16.14 13.04 -9.74
C GLN A 71 16.35 14.44 -9.16
N ARG A 72 16.03 14.62 -7.87
CA ARG A 72 16.09 15.95 -7.22
C ARG A 72 17.44 16.17 -6.52
N GLY A 73 18.31 15.18 -6.49
CA GLY A 73 19.65 15.40 -5.92
C GLY A 73 19.75 15.01 -4.46
N GLY A 74 18.73 14.35 -3.90
CA GLY A 74 18.85 13.84 -2.55
C GLY A 74 19.62 12.54 -2.51
N ARG A 75 19.76 11.99 -1.29
CA ARG A 75 20.44 10.71 -1.14
C ARG A 75 19.59 9.71 -0.36
N ILE A 76 19.48 8.50 -0.90
CA ILE A 76 18.62 7.46 -0.35
C ILE A 76 19.19 6.96 0.96
N PHE A 77 18.31 6.66 1.91
CA PHE A 77 18.75 6.14 3.20
C PHE A 77 17.75 5.06 3.63
N LEU A 78 18.24 3.83 3.69
CA LEU A 78 17.37 2.66 3.94
C LEU A 78 17.40 2.18 5.38
N GLN A 79 16.28 1.61 5.83
CA GLN A 79 16.18 1.05 7.19
C GLN A 79 15.63 -0.37 7.09
N ASP A 80 15.62 -1.11 8.19
CA ASP A 80 15.11 -2.50 8.21
C ASP A 80 13.63 -2.57 7.82
N ILE A 81 13.21 -3.57 7.07
CA ILE A 81 11.80 -3.75 6.76
C ILE A 81 11.17 -4.68 7.80
N LYS A 82 10.31 -4.11 8.62
CA LYS A 82 9.71 -4.86 9.70
C LYS A 82 8.82 -5.99 9.36
N LYS A 83 8.88 -7.00 10.20
CA LYS A 83 8.00 -8.17 10.00
C LYS A 83 6.53 -7.69 10.10
N PRO A 84 5.55 -8.26 9.38
CA PRO A 84 4.14 -7.84 9.58
C PRO A 84 3.67 -8.09 11.01
N ASP A 85 2.85 -7.16 11.53
CA ASP A 85 2.20 -7.20 12.85
C ASP A 85 1.04 -8.19 13.01
N CYS A 86 1.28 -9.50 13.00
CA CYS A 86 0.17 -10.47 13.09
C CYS A 86 0.61 -11.93 13.33
N ASP A 88 -2.71 -13.49 13.44
CA ASP A 88 -3.11 -14.50 12.43
C ASP A 88 -4.30 -14.00 11.61
N TRP A 89 -4.20 -14.08 10.29
CA TRP A 89 -5.33 -13.75 9.39
C TRP A 89 -6.32 -14.88 9.64
N GLU A 90 -7.61 -14.63 9.83
CA GLU A 90 -8.43 -15.82 10.19
C GLU A 90 -9.41 -16.21 9.09
N SER A 91 -9.64 -15.31 8.13
CA SER A 91 -10.65 -15.54 7.08
C SER A 91 -10.45 -14.52 5.96
N GLY A 92 -11.16 -14.73 4.86
CA GLY A 92 -11.15 -13.80 3.72
C GLY A 92 -11.61 -12.41 4.13
N LEU A 93 -12.65 -12.34 4.95
CA LEU A 93 -13.20 -11.04 5.41
C LEU A 93 -12.20 -10.32 6.31
N ASN A 94 -11.67 -10.99 7.32
CA ASN A 94 -10.71 -10.35 8.22
C ASN A 94 -9.48 -9.83 7.48
N ALA A 95 -9.03 -10.51 6.40
CA ALA A 95 -7.88 -10.03 5.64
C ALA A 95 -8.20 -8.77 4.83
N MET A 96 -9.36 -8.71 4.19
CA MET A 96 -9.75 -7.49 3.47
C MET A 96 -9.91 -6.28 4.40
N GLU A 97 -10.48 -6.49 5.60
CA GLU A 97 -10.57 -5.40 6.59
C GLU A 97 -9.17 -4.91 7.01
N CYS A 98 -8.22 -5.83 7.24
CA CYS A 98 -6.88 -5.35 7.59
C CYS A 98 -6.20 -4.66 6.42
N ALA A 99 -6.47 -5.11 5.18
CA ALA A 99 -5.91 -4.37 4.03
C ALA A 99 -6.51 -2.97 3.89
N LEU A 100 -7.81 -2.80 4.21
CA LEU A 100 -8.43 -1.47 4.21
C LEU A 100 -7.79 -0.53 5.23
N HIS A 101 -7.40 -1.05 6.40
CA HIS A 101 -6.79 -0.17 7.41
C HIS A 101 -5.34 0.20 7.03
N LEU A 102 -4.63 -0.73 6.40
CA LEU A 102 -3.27 -0.46 5.88
C LEU A 102 -3.30 0.65 4.82
N GLU A 103 -4.23 0.57 3.84
CA GLU A 103 -4.21 1.58 2.78
C GLU A 103 -4.62 2.95 3.31
N LYS A 104 -5.48 3.00 4.32
CA LYS A 104 -5.76 4.28 4.97
C LYS A 104 -4.56 4.81 5.77
N ASN A 105 -3.78 3.95 6.44
CA ASN A 105 -2.53 4.41 7.04
C ASN A 105 -1.56 4.98 5.98
N VAL A 106 -1.37 4.27 4.88
CA VAL A 106 -0.44 4.80 3.87
C VAL A 106 -0.92 6.15 3.33
N ASN A 107 -2.25 6.35 3.26
CA ASN A 107 -2.80 7.59 2.72
C ASN A 107 -2.58 8.73 3.70
N GLN A 108 -2.70 8.49 5.00
CA GLN A 108 -2.43 9.56 6.00
C GLN A 108 -0.97 10.05 5.92
N SER A 109 0.00 9.16 5.71
CA SER A 109 1.42 9.55 5.56
C SER A 109 1.63 10.43 4.31
N LEU A 110 1.01 10.05 3.20
CA LEU A 110 1.13 10.81 1.93
C LEU A 110 0.51 12.21 2.08
N LEU A 111 -0.59 12.34 2.83
CA LEU A 111 -1.19 13.64 3.07
C LEU A 111 -0.29 14.53 3.94
N GLU A 112 0.35 13.95 4.96
CA GLU A 112 1.37 14.64 5.75
C GLU A 112 2.57 15.07 4.89
N LEU A 113 3.07 14.17 4.03
CA LEU A 113 4.16 14.56 3.13
C LEU A 113 3.77 15.75 2.25
N HIS A 114 2.52 15.77 1.75
CA HIS A 114 2.06 16.90 0.93
C HIS A 114 1.96 18.20 1.74
N LYS A 115 1.50 18.16 3.00
CA LYS A 115 1.47 19.39 3.80
C LYS A 115 2.86 19.97 3.94
N LEU A 116 3.84 19.12 4.25
CA LEU A 116 5.24 19.56 4.35
C LEU A 116 5.73 20.18 3.03
N ALA A 117 5.46 19.53 1.90
CA ALA A 117 5.93 20.06 0.65
C ALA A 117 5.28 21.40 0.32
N THR A 118 4.02 21.59 0.72
CA THR A 118 3.34 22.90 0.61
C THR A 118 3.99 23.98 1.52
N ASP A 119 4.27 23.67 2.79
CA ASP A 119 5.01 24.62 3.63
C ASP A 119 6.36 25.02 3.04
N LYS A 120 7.07 24.11 2.38
CA LYS A 120 8.37 24.49 1.86
C LYS A 120 8.29 25.04 0.44
N ASN A 121 7.07 25.28 -0.05
CA ASN A 121 6.89 25.89 -1.39
C ASN A 121 7.63 25.06 -2.43
N ASP A 122 7.45 23.73 -2.41
CA ASP A 122 8.05 22.82 -3.42
C ASP A 122 6.93 22.39 -4.37
N PRO A 123 6.57 23.15 -5.46
CA PRO A 123 5.43 22.73 -6.30
C PRO A 123 5.71 21.54 -7.18
N HIS A 124 6.97 21.27 -7.57
CA HIS A 124 7.24 20.04 -8.32
C HIS A 124 6.92 18.80 -7.48
N LEU A 125 7.19 18.85 -6.16
CA LEU A 125 6.96 17.69 -5.31
C LEU A 125 5.47 17.47 -5.02
N CYS A 126 4.72 18.56 -4.80
CA CYS A 126 3.26 18.50 -4.71
C CYS A 126 2.62 17.81 -5.91
N ASP A 127 2.99 18.24 -7.13
CA ASP A 127 2.41 17.66 -8.33
C ASP A 127 2.80 16.17 -8.51
N PHE A 128 4.06 15.82 -8.22
CA PHE A 128 4.50 14.43 -8.19
C PHE A 128 3.59 13.55 -7.32
N ILE A 129 3.30 13.98 -6.08
CA ILE A 129 2.46 13.22 -5.15
C ILE A 129 1.02 13.12 -5.64
N GLU A 130 0.44 14.24 -6.09
CA GLU A 130 -0.90 14.23 -6.68
C GLU A 130 -0.98 13.30 -7.89
N THR A 131 -0.05 13.44 -8.85
CA THR A 131 -0.10 12.67 -10.10
C THR A 131 -0.02 11.16 -9.85
N HIS A 132 0.92 10.72 -9.01
CA HIS A 132 1.24 9.29 -8.96
C HIS A 132 0.72 8.56 -7.71
N TYR A 133 0.26 9.28 -6.66
CA TYR A 133 -0.11 8.62 -5.41
C TYR A 133 -1.52 8.91 -4.87
N LEU A 134 -2.08 10.11 -5.02
CA LEU A 134 -3.28 10.38 -4.21
C LEU A 134 -4.55 9.74 -4.78
N ASN A 135 -4.77 9.79 -6.11
CA ASN A 135 -5.98 9.14 -6.63
C ASN A 135 -5.82 7.62 -6.64
N GLU A 136 -4.58 7.10 -6.69
CA GLU A 136 -4.43 5.66 -6.54
C GLU A 136 -4.89 5.19 -5.15
N GLN A 137 -4.56 5.91 -4.07
CA GLN A 137 -5.02 5.49 -2.74
C GLN A 137 -6.53 5.59 -2.63
N VAL A 138 -7.10 6.66 -3.18
CA VAL A 138 -8.55 6.85 -3.14
C VAL A 138 -9.27 5.70 -3.86
N LYS A 139 -8.78 5.30 -5.06
CA LYS A 139 -9.37 4.17 -5.78
C LYS A 139 -9.18 2.86 -5.01
N ALA A 140 -8.00 2.66 -4.40
CA ALA A 140 -7.72 1.41 -3.68
C ALA A 140 -8.59 1.28 -2.43
N ILE A 141 -8.72 2.34 -1.63
CA ILE A 141 -9.56 2.29 -0.43
C ILE A 141 -11.03 2.03 -0.79
N LYS A 142 -11.53 2.66 -1.84
CA LYS A 142 -12.92 2.43 -2.30
C LYS A 142 -13.15 0.96 -2.66
N GLU A 143 -12.20 0.37 -3.39
CA GLU A 143 -12.30 -1.03 -3.81
C GLU A 143 -12.36 -1.99 -2.62
N LEU A 144 -11.53 -1.76 -1.62
CA LEU A 144 -11.51 -2.62 -0.41
C LEU A 144 -12.83 -2.45 0.37
N GLY A 145 -13.35 -1.23 0.46
CA GLY A 145 -14.63 -0.99 1.11
C GLY A 145 -15.73 -1.78 0.42
N ASP A 146 -15.74 -1.73 -0.91
CA ASP A 146 -16.72 -2.49 -1.73
C ASP A 146 -16.60 -3.99 -1.40
N HIS A 147 -15.38 -4.52 -1.34
CA HIS A 147 -15.15 -5.97 -1.09
C HIS A 147 -15.64 -6.38 0.30
N VAL A 148 -15.31 -5.60 1.32
CA VAL A 148 -15.73 -5.87 2.73
C VAL A 148 -17.26 -5.92 2.83
N THR A 149 -17.95 -5.01 2.16
CA THR A 149 -19.43 -4.89 2.17
C THR A 149 -20.08 -6.13 1.57
N ASN A 150 -19.54 -6.62 0.46
CA ASN A 150 -20.05 -7.83 -0.22
C ASN A 150 -19.90 -9.07 0.67
N LEU A 151 -18.73 -9.25 1.26
CA LEU A 151 -18.48 -10.43 2.11
C LEU A 151 -19.43 -10.44 3.30
N ARG A 152 -19.65 -9.30 3.94
CA ARG A 152 -20.54 -9.24 5.10
C ARG A 152 -21.98 -9.52 4.69
N LYS A 153 -22.46 -8.89 3.64
CA LYS A 153 -23.86 -9.07 3.20
C LYS A 153 -24.10 -10.52 2.77
N MET A 154 -23.04 -11.22 2.38
CA MET A 154 -23.16 -12.63 1.93
C MET A 154 -23.18 -13.60 3.12
N GLY A 155 -22.76 -13.15 4.30
CA GLY A 155 -22.83 -13.99 5.52
C GLY A 155 -21.48 -14.31 6.16
N ALA A 156 -20.40 -13.71 5.69
CA ALA A 156 -19.05 -13.92 6.26
C ALA A 156 -18.96 -13.24 7.64
N PRO A 157 -18.12 -13.72 8.59
CA PRO A 157 -17.21 -14.87 8.40
C PRO A 157 -17.73 -16.27 8.73
N GLU A 158 -19.00 -16.44 9.09
CA GLU A 158 -19.69 -17.67 9.43
C GLU A 158 -20.02 -18.51 8.21
N SER A 159 -20.57 -17.91 7.15
CA SER A 159 -20.88 -18.70 5.96
C SER A 159 -19.60 -19.01 5.20
N GLY A 160 -19.13 -20.26 5.27
CA GLY A 160 -17.96 -20.60 4.49
C GLY A 160 -18.24 -20.68 3.00
N LEU A 161 -19.51 -20.88 2.63
CA LEU A 161 -19.93 -20.75 1.23
C LEU A 161 -19.68 -19.35 0.66
N ALA A 162 -19.87 -18.30 1.47
CA ALA A 162 -19.72 -16.93 1.00
C ALA A 162 -18.32 -16.67 0.43
N GLU A 163 -17.27 -16.95 1.22
CA GLU A 163 -15.93 -16.63 0.75
C GLU A 163 -15.54 -17.46 -0.49
N TYR A 164 -16.00 -18.72 -0.59
CA TYR A 164 -15.77 -19.54 -1.78
C TYR A 164 -16.39 -18.90 -3.04
N LEU A 165 -17.65 -18.44 -2.95
CA LEU A 165 -18.31 -17.90 -4.14
C LEU A 165 -17.77 -16.52 -4.51
N PHE A 166 -17.42 -15.70 -3.50
CA PHE A 166 -16.75 -14.43 -3.77
C PHE A 166 -15.43 -14.64 -4.51
N ASP A 167 -14.71 -15.68 -4.12
CA ASP A 167 -13.44 -15.99 -4.76
C ASP A 167 -13.63 -16.21 -6.27
N LYS A 168 -14.73 -16.86 -6.68
CA LYS A 168 -14.95 -17.19 -8.08
C LYS A 168 -15.56 -16.01 -8.85
N HIS A 169 -16.50 -15.29 -8.26
CA HIS A 169 -17.21 -14.28 -9.02
C HIS A 169 -16.50 -12.92 -9.03
N THR A 170 -16.08 -12.42 -7.87
CA THR A 170 -15.51 -11.08 -7.83
C THR A 170 -14.01 -11.05 -8.13
N LEU A 171 -13.25 -12.00 -7.60
CA LEU A 171 -11.82 -12.04 -7.86
C LEU A 171 -11.45 -12.94 -9.03
N GLY A 172 -12.38 -13.70 -9.60
CA GLY A 172 -12.07 -14.75 -10.57
C GLY A 172 -12.16 -14.37 -12.03
#